data_5ZK5
#
_entry.id   5ZK5
#
_cell.length_a   37.480
_cell.length_b   65.090
_cell.length_c   76.390
_cell.angle_alpha   90.00
_cell.angle_beta   90.00
_cell.angle_gamma   90.00
#
_symmetry.space_group_name_H-M   'P 21 21 21'
#
loop_
_entity.id
_entity.type
_entity.pdbx_description
1 polymer 'Eukaryotic translation initiation factor 4E'
2 polymer LYS-ARG-TYR-SER-ARG-GLU-GLN-LEU-LEU-MK8-PHE-GLN-ARG-MK8
3 non-polymer "7N-METHYL-8-HYDROGUANOSINE-5'-TRIPHOSPHATE"
4 water water
#
loop_
_entity_poly.entity_id
_entity_poly.type
_entity_poly.pdbx_seq_one_letter_code
_entity_poly.pdbx_strand_id
1 'polypeptide(L)'
;MVANPEHYIKHPLQNRWALWFFKNDKSKTWQANLRLISKFDTVEDFWALYNHIQLSSNLMPGCDYSLFKDGIEPMWEDEK
NKRGGRWLITLNKQQRRSDLDRFWLETLLCLIGESFDDYSDDVCGAVVNVRAKGDKIAIWTTECENREAVTHIGRVYKER
LGLPPKIVIGYQSHADTATKSGSTTKNRFVV
;
A
2 'polypeptide(L)' (ACE)KKRYSREQLL(MK8)FQR(MK8)(NH2) B
#
# COMPACT_ATOMS: atom_id res chain seq x y z
N PRO A 5 4.61 25.77 11.80
CA PRO A 5 5.80 26.01 10.97
C PRO A 5 7.10 25.97 11.80
N GLU A 6 7.49 24.76 12.19
CA GLU A 6 8.63 24.53 13.09
C GLU A 6 9.98 24.65 12.39
N HIS A 7 11.03 24.90 13.17
CA HIS A 7 12.31 25.36 12.64
C HIS A 7 13.43 24.31 12.55
N TYR A 8 13.47 23.33 13.45
CA TYR A 8 14.52 22.29 13.43
C TYR A 8 14.07 20.85 13.70
N ILE A 9 12.94 20.62 14.37
CA ILE A 9 12.51 19.27 14.69
C ILE A 9 11.97 18.54 13.45
N LYS A 10 12.26 17.25 13.34
CA LYS A 10 11.65 16.39 12.33
C LYS A 10 10.29 15.94 12.85
N HIS A 11 9.51 15.33 11.98
CA HIS A 11 8.15 14.92 12.31
C HIS A 11 8.07 13.40 12.29
N PRO A 12 8.04 12.80 13.50
CA PRO A 12 8.02 11.34 13.58
C PRO A 12 6.69 10.74 13.12
N LEU A 13 6.76 9.59 12.46
CA LEU A 13 5.56 8.86 12.07
C LEU A 13 5.21 7.94 13.23
N GLN A 14 3.98 7.45 13.27
CA GLN A 14 3.56 6.47 14.29
C GLN A 14 4.39 5.20 14.17
N ASN A 15 4.60 4.73 12.93
CA ASN A 15 5.38 3.51 12.67
C ASN A 15 6.65 3.74 11.84
N ARG A 16 7.61 2.85 12.02
CA ARG A 16 8.71 2.71 11.10
C ARG A 16 8.22 1.87 9.92
N TRP A 17 8.55 2.31 8.71
CA TRP A 17 8.13 1.65 7.48
C TRP A 17 9.32 1.16 6.64
N ALA A 18 9.11 0.03 5.95
CA ALA A 18 10.10 -0.49 5.02
C ALA A 18 9.55 -0.49 3.60
N LEU A 19 10.32 0.08 2.68
CA LEU A 19 10.01 -0.01 1.26
C LEU A 19 10.74 -1.23 0.68
N TRP A 20 9.97 -2.05 -0.02
CA TRP A 20 10.47 -3.23 -0.70
C TRP A 20 10.31 -3.08 -2.21
N PHE A 21 11.22 -3.70 -2.96
CA PHE A 21 11.16 -3.82 -4.42
C PHE A 21 11.10 -5.29 -4.81
N PHE A 22 10.33 -5.59 -5.86
CA PHE A 22 10.24 -6.92 -6.44
C PHE A 22 10.57 -6.80 -7.94
N LYS A 23 11.52 -7.59 -8.40
CA LYS A 23 11.91 -7.65 -9.82
C LYS A 23 11.48 -9.01 -10.35
N ASN A 24 10.64 -9.01 -11.38
CA ASN A 24 10.18 -10.24 -12.05
C ASN A 24 11.32 -11.00 -12.70
N ASP A 25 11.58 -12.18 -12.17
CA ASP A 25 12.60 -13.06 -12.72
C ASP A 25 12.05 -14.48 -12.55
N LYS A 26 11.46 -15.00 -13.62
CA LYS A 26 10.81 -16.31 -13.61
C LYS A 26 11.76 -17.49 -13.43
N SER A 27 13.06 -17.28 -13.57
CA SER A 27 14.05 -18.31 -13.18
C SER A 27 14.26 -18.45 -11.66
N LYS A 28 13.62 -17.61 -10.84
CA LYS A 28 13.76 -17.68 -9.37
C LYS A 28 12.42 -18.00 -8.73
N THR A 29 12.46 -18.39 -7.45
CA THR A 29 11.24 -18.53 -6.65
C THR A 29 10.72 -17.12 -6.33
N TRP A 30 9.40 -17.01 -6.18
CA TRP A 30 8.78 -15.71 -5.92
C TRP A 30 9.49 -14.94 -4.78
N GLN A 31 9.63 -15.52 -3.59
CA GLN A 31 10.19 -14.74 -2.46
C GLN A 31 11.69 -14.45 -2.54
N ALA A 32 12.42 -15.15 -3.41
CA ALA A 32 13.82 -14.80 -3.68
C ALA A 32 13.97 -13.47 -4.46
N ASN A 33 12.93 -13.07 -5.18
CA ASN A 33 12.93 -11.81 -5.96
C ASN A 33 12.57 -10.51 -5.17
N LEU A 34 12.28 -10.63 -3.87
CA LEU A 34 11.99 -9.48 -2.99
C LEU A 34 13.28 -8.91 -2.45
N ARG A 35 13.48 -7.60 -2.61
CA ARG A 35 14.59 -6.87 -2.02
C ARG A 35 14.04 -5.77 -1.11
N LEU A 36 14.45 -5.81 0.16
CA LEU A 36 14.29 -4.67 1.06
C LEU A 36 15.22 -3.54 0.59
N ILE A 37 14.64 -2.36 0.37
CA ILE A 37 15.37 -1.19 -0.13
C ILE A 37 15.84 -0.24 0.99
N SER A 38 14.92 0.24 1.80
CA SER A 38 15.22 1.27 2.79
C SER A 38 14.10 1.35 3.82
N LYS A 39 14.40 1.98 4.95
CA LYS A 39 13.42 2.19 6.00
C LYS A 39 13.48 3.64 6.48
N PHE A 40 12.38 4.10 7.04
CA PHE A 40 12.24 5.47 7.49
C PHE A 40 11.17 5.54 8.57
N ASP A 41 11.25 6.55 9.42
CA ASP A 41 10.25 6.76 10.46
C ASP A 41 9.88 8.22 10.70
N THR A 42 10.19 9.09 9.74
CA THR A 42 9.77 10.49 9.80
C THR A 42 9.19 10.90 8.45
N VAL A 43 8.43 12.00 8.47
CA VAL A 43 7.80 12.52 7.26
C VAL A 43 8.88 12.97 6.27
N GLU A 44 9.94 13.56 6.81
CA GLU A 44 11.04 14.09 5.97
C GLU A 44 11.80 12.95 5.31
N ASP A 45 12.05 11.89 6.06
CA ASP A 45 12.71 10.71 5.52
C ASP A 45 11.85 9.98 4.48
N PHE A 46 10.53 10.00 4.65
CA PHE A 46 9.64 9.46 3.63
C PHE A 46 9.85 10.21 2.32
N TRP A 47 9.76 11.53 2.36
CA TRP A 47 9.79 12.33 1.13
C TRP A 47 11.13 12.23 0.45
N ALA A 48 12.19 12.16 1.24
CA ALA A 48 13.53 12.04 0.70
C ALA A 48 13.73 10.72 -0.02
N LEU A 49 13.12 9.64 0.47
CA LEU A 49 13.13 8.36 -0.25
C LEU A 49 12.27 8.40 -1.51
N TYR A 50 11.07 8.95 -1.40
CA TYR A 50 10.12 9.05 -2.52
C TYR A 50 10.70 9.83 -3.70
N ASN A 51 11.31 10.96 -3.40
CA ASN A 51 11.91 11.81 -4.43
C ASN A 51 13.17 11.22 -5.09
N HIS A 52 13.73 10.17 -4.51
CA HIS A 52 14.98 9.53 -4.97
C HIS A 52 14.75 8.16 -5.69
N ILE A 53 13.49 7.72 -5.79
CA ILE A 53 13.13 6.49 -6.50
C ILE A 53 12.09 6.73 -7.59
N GLN A 54 12.07 5.82 -8.56
CA GLN A 54 11.22 5.96 -9.74
C GLN A 54 9.72 5.87 -9.41
N LEU A 55 8.93 6.63 -10.15
CA LEU A 55 7.48 6.51 -10.15
C LEU A 55 7.09 5.13 -10.62
N SER A 56 6.05 4.55 -10.03
CA SER A 56 5.61 3.20 -10.39
C SER A 56 5.31 3.05 -11.88
N SER A 57 4.86 4.14 -12.52
CA SER A 57 4.57 4.16 -13.95
C SER A 57 5.80 4.00 -14.84
N ASN A 58 6.99 4.25 -14.30
CA ASN A 58 8.26 4.04 -15.03
C ASN A 58 9.00 2.73 -14.75
N LEU A 59 8.44 1.86 -13.90
CA LEU A 59 9.04 0.57 -13.63
C LEU A 59 8.73 -0.37 -14.77
N MET A 60 9.58 -1.38 -14.95
CA MET A 60 9.30 -2.47 -15.86
C MET A 60 8.11 -3.30 -15.38
N PRO A 61 7.23 -3.70 -16.30
CA PRO A 61 6.20 -4.69 -16.03
C PRO A 61 6.76 -5.95 -15.41
N GLY A 62 6.04 -6.50 -14.43
CA GLY A 62 6.56 -7.56 -13.59
C GLY A 62 7.12 -7.08 -12.26
N CYS A 63 7.34 -5.78 -12.10
CA CYS A 63 7.90 -5.26 -10.83
C CYS A 63 6.85 -4.77 -9.87
N ASP A 64 7.21 -4.80 -8.58
CA ASP A 64 6.38 -4.25 -7.52
C ASP A 64 7.17 -3.32 -6.63
N TYR A 65 6.44 -2.40 -6.00
CA TYR A 65 6.88 -1.78 -4.75
C TYR A 65 5.91 -2.26 -3.67
N SER A 66 6.42 -2.40 -2.45
CA SER A 66 5.58 -2.63 -1.28
C SER A 66 6.10 -1.73 -0.15
N LEU A 67 5.18 -1.03 0.52
CA LEU A 67 5.47 -0.36 1.79
C LEU A 67 4.78 -1.12 2.89
N PHE A 68 5.55 -1.72 3.79
CA PHE A 68 4.99 -2.44 4.95
C PHE A 68 5.59 -1.93 6.27
N LYS A 69 4.84 -2.11 7.35
CA LYS A 69 5.35 -1.77 8.70
C LYS A 69 6.60 -2.62 9.00
N ASP A 70 7.54 -2.04 9.73
CA ASP A 70 8.82 -2.67 10.02
C ASP A 70 8.60 -4.03 10.71
N GLY A 71 9.25 -5.08 10.21
CA GLY A 71 9.06 -6.44 10.74
C GLY A 71 8.06 -7.31 9.99
N ILE A 72 7.20 -6.73 9.15
CA ILE A 72 6.23 -7.46 8.33
C ILE A 72 6.77 -7.49 6.92
N GLU A 73 7.09 -8.69 6.44
CA GLU A 73 7.48 -8.90 5.06
C GLU A 73 6.22 -8.91 4.19
N PRO A 74 6.31 -8.33 3.00
CA PRO A 74 5.16 -8.21 2.10
C PRO A 74 4.82 -9.55 1.42
N MET A 75 4.52 -10.56 2.23
CA MET A 75 4.16 -11.87 1.70
C MET A 75 3.07 -12.51 2.55
N TRP A 76 2.23 -13.32 1.91
CA TRP A 76 1.13 -14.02 2.62
C TRP A 76 1.66 -14.78 3.83
N GLU A 77 2.84 -15.37 3.69
CA GLU A 77 3.43 -16.26 4.68
C GLU A 77 3.74 -15.61 6.00
N ASP A 78 3.95 -14.30 6.02
CA ASP A 78 4.22 -13.58 7.28
C ASP A 78 3.08 -13.81 8.26
N GLU A 79 3.43 -13.94 9.54
CA GLU A 79 2.45 -14.18 10.61
C GLU A 79 1.36 -13.10 10.69
N LYS A 80 1.70 -11.88 10.28
CA LYS A 80 0.75 -10.76 10.29
C LYS A 80 -0.08 -10.66 9.02
N ASN A 81 0.30 -11.37 7.97
CA ASN A 81 -0.50 -11.46 6.73
C ASN A 81 -1.29 -12.75 6.53
N LYS A 82 -0.83 -13.88 7.07
CA LYS A 82 -1.45 -15.18 6.75
C LYS A 82 -2.97 -15.28 7.03
N ARG A 83 -3.45 -14.57 8.05
CA ARG A 83 -4.90 -14.50 8.38
C ARG A 83 -5.64 -13.31 7.74
N GLY A 84 -4.94 -12.54 6.92
CA GLY A 84 -5.42 -11.26 6.41
C GLY A 84 -5.86 -11.33 4.97
N GLY A 85 -5.93 -10.15 4.36
CA GLY A 85 -6.36 -10.01 2.96
C GLY A 85 -6.06 -8.60 2.49
N ARG A 86 -6.68 -8.19 1.38
CA ARG A 86 -6.37 -6.91 0.77
C ARG A 86 -7.54 -6.21 0.12
N TRP A 87 -7.57 -4.88 0.25
CA TRP A 87 -8.48 -4.06 -0.54
C TRP A 87 -7.82 -3.80 -1.88
N LEU A 88 -8.42 -4.32 -2.96
CA LEU A 88 -7.83 -4.33 -4.30
C LEU A 88 -8.38 -3.23 -5.22
N ILE A 89 -7.50 -2.37 -5.74
CA ILE A 89 -7.80 -1.41 -6.80
C ILE A 89 -7.15 -1.98 -8.07
N THR A 90 -7.95 -2.34 -9.06
CA THR A 90 -7.42 -2.83 -10.35
C THR A 90 -7.48 -1.71 -11.39
N LEU A 91 -6.44 -1.63 -12.22
CA LEU A 91 -6.38 -0.63 -13.28
C LEU A 91 -6.08 -1.35 -14.57
N ASN A 92 -6.55 -0.80 -15.68
CA ASN A 92 -6.12 -1.28 -17.01
C ASN A 92 -4.78 -0.61 -17.41
N LYS A 93 -4.23 -1.01 -18.55
CA LYS A 93 -2.98 -0.45 -19.11
C LYS A 93 -3.07 1.06 -19.33
N GLN A 94 -4.25 1.51 -19.75
CA GLN A 94 -4.42 2.88 -20.23
C GLN A 94 -4.58 3.89 -19.10
N GLN A 95 -4.84 3.40 -17.87
CA GLN A 95 -4.84 4.26 -16.68
C GLN A 95 -3.47 4.38 -15.99
N ARG A 96 -2.43 3.76 -16.57
CA ARG A 96 -1.11 3.80 -15.95
C ARG A 96 -0.61 5.23 -15.91
N ARG A 97 -0.79 5.91 -17.03
CA ARG A 97 -0.30 7.26 -17.21
C ARG A 97 -1.03 8.23 -16.28
N SER A 98 -2.34 8.07 -16.18
CA SER A 98 -3.24 9.03 -15.55
C SER A 98 -3.55 8.82 -14.06
N ASP A 99 -3.56 7.57 -13.58
CA ASP A 99 -4.04 7.23 -12.24
C ASP A 99 -3.04 6.52 -11.31
N LEU A 100 -2.13 5.70 -11.88
CA LEU A 100 -1.30 4.80 -11.10
C LEU A 100 -0.50 5.53 -10.00
N ASP A 101 0.23 6.55 -10.42
CA ASP A 101 1.16 7.24 -9.53
C ASP A 101 0.43 8.02 -8.47
N ARG A 102 -0.68 8.68 -8.82
CA ARG A 102 -1.41 9.46 -7.82
C ARG A 102 -2.22 8.56 -6.86
N PHE A 103 -2.76 7.44 -7.35
CA PHE A 103 -3.35 6.43 -6.46
C PHE A 103 -2.33 5.83 -5.49
N TRP A 104 -1.16 5.48 -6.01
CA TRP A 104 -0.10 4.86 -5.19
C TRP A 104 0.40 5.80 -4.12
N LEU A 105 0.60 7.07 -4.47
CA LEU A 105 1.03 8.05 -3.48
C LEU A 105 -0.06 8.25 -2.44
N GLU A 106 -1.31 8.37 -2.87
CA GLU A 106 -2.44 8.48 -1.91
C GLU A 106 -2.47 7.33 -0.90
N THR A 107 -2.27 6.12 -1.41
CA THR A 107 -2.15 4.93 -0.58
C THR A 107 -0.97 5.04 0.43
N LEU A 108 0.20 5.54 -0.01
CA LEU A 108 1.34 5.75 0.90
C LEU A 108 1.00 6.73 2.05
N LEU A 109 0.24 7.75 1.72
CA LEU A 109 -0.15 8.79 2.67
C LEU A 109 -1.18 8.26 3.65
N CYS A 110 -2.08 7.38 3.20
CA CYS A 110 -3.01 6.72 4.12
C CYS A 110 -2.24 5.85 5.11
N LEU A 111 -1.22 5.14 4.64
CA LEU A 111 -0.41 4.30 5.53
C LEU A 111 0.37 5.13 6.54
N ILE A 112 1.27 5.99 6.05
CA ILE A 112 2.18 6.71 6.96
C ILE A 112 1.44 7.76 7.81
N GLY A 113 0.38 8.33 7.26
CA GLY A 113 -0.50 9.22 8.00
C GLY A 113 -1.41 8.55 9.04
N GLU A 114 -1.51 7.22 9.08
CA GLU A 114 -2.40 6.49 10.01
C GLU A 114 -3.85 6.96 9.87
N SER A 115 -4.32 6.99 8.61
CA SER A 115 -5.61 7.62 8.26
C SER A 115 -6.88 6.82 8.64
N PHE A 116 -6.71 5.59 9.16
CA PHE A 116 -7.87 4.75 9.48
C PHE A 116 -8.19 4.68 10.99
N ASP A 117 -7.78 5.69 11.76
CA ASP A 117 -8.10 5.79 13.20
C ASP A 117 -7.51 4.60 13.99
N ASP A 118 -8.23 4.12 15.02
CA ASP A 118 -7.92 2.86 15.71
C ASP A 118 -7.60 1.69 14.76
N TYR A 119 -8.33 1.60 13.65
CA TYR A 119 -8.19 0.47 12.75
C TYR A 119 -6.92 0.48 11.90
N SER A 120 -6.13 1.57 11.94
CA SER A 120 -4.81 1.58 11.33
C SER A 120 -3.86 0.51 11.88
N ASP A 121 -4.07 0.05 13.12
CA ASP A 121 -3.37 -1.12 13.67
C ASP A 121 -3.53 -2.41 12.83
N ASP A 122 -4.69 -2.56 12.18
CA ASP A 122 -4.92 -3.69 11.26
C ASP A 122 -4.15 -3.60 9.95
N VAL A 123 -3.70 -2.40 9.58
CA VAL A 123 -2.91 -2.23 8.37
C VAL A 123 -1.53 -2.86 8.52
N CYS A 124 -1.18 -3.73 7.57
CA CYS A 124 0.15 -4.29 7.47
C CYS A 124 0.98 -3.49 6.47
N GLY A 125 0.38 -3.17 5.33
CA GLY A 125 1.04 -2.39 4.31
C GLY A 125 0.27 -2.31 2.99
N ALA A 126 1.00 -1.96 1.95
CA ALA A 126 0.42 -1.82 0.63
C ALA A 126 1.37 -2.31 -0.47
N VAL A 127 0.80 -2.75 -1.59
CA VAL A 127 1.55 -3.22 -2.75
C VAL A 127 1.01 -2.64 -4.06
N VAL A 128 1.92 -2.21 -4.93
CA VAL A 128 1.60 -1.84 -6.31
C VAL A 128 2.28 -2.84 -7.27
N ASN A 129 1.46 -3.46 -8.11
CA ASN A 129 1.91 -4.41 -9.11
C ASN A 129 1.80 -3.73 -10.45
N VAL A 130 2.94 -3.55 -11.12
CA VAL A 130 2.97 -2.98 -12.48
C VAL A 130 3.03 -4.17 -13.40
N ARG A 131 2.00 -4.32 -14.23
CA ARG A 131 1.85 -5.48 -15.09
C ARG A 131 1.33 -5.08 -16.45
N ALA A 132 1.81 -5.79 -17.47
CA ALA A 132 1.39 -5.59 -18.86
C ALA A 132 -0.09 -5.80 -19.05
N LYS A 133 -0.69 -6.73 -18.31
CA LYS A 133 -2.15 -6.99 -18.40
C LYS A 133 -3.03 -5.97 -17.67
N GLY A 134 -2.46 -5.20 -16.74
CA GLY A 134 -3.25 -4.27 -15.90
C GLY A 134 -2.67 -4.20 -14.49
N ASP A 135 -2.51 -2.98 -14.00
CA ASP A 135 -1.81 -2.73 -12.75
C ASP A 135 -2.77 -2.84 -11.57
N LYS A 136 -2.20 -3.14 -10.41
CA LYS A 136 -2.97 -3.26 -9.18
C LYS A 136 -2.30 -2.53 -8.03
N ILE A 137 -3.13 -1.92 -7.18
CA ILE A 137 -2.70 -1.33 -5.92
C ILE A 137 -3.58 -2.01 -4.88
N ALA A 138 -3.01 -2.32 -3.72
CA ALA A 138 -3.80 -2.89 -2.63
C ALA A 138 -3.25 -2.53 -1.28
N ILE A 139 -4.16 -2.45 -0.31
CA ILE A 139 -3.85 -2.30 1.09
C ILE A 139 -4.09 -3.65 1.77
N TRP A 140 -3.03 -4.16 2.37
CA TRP A 140 -3.01 -5.43 3.05
C TRP A 140 -3.28 -5.17 4.53
N THR A 141 -4.26 -5.90 5.08
CA THR A 141 -4.64 -5.81 6.47
C THR A 141 -4.49 -7.17 7.12
N THR A 142 -4.41 -7.17 8.46
CA THR A 142 -3.90 -8.34 9.17
C THR A 142 -4.88 -9.48 9.37
N GLU A 143 -6.19 -9.18 9.34
CA GLU A 143 -7.20 -10.12 9.83
C GLU A 143 -8.52 -9.92 9.09
N CYS A 144 -8.87 -10.85 8.20
CA CYS A 144 -10.06 -10.72 7.37
C CYS A 144 -11.39 -10.93 8.12
N GLU A 145 -11.34 -11.39 9.38
CA GLU A 145 -12.52 -11.51 10.24
C GLU A 145 -12.74 -10.28 11.13
N ASN A 146 -11.85 -9.29 11.07
CA ASN A 146 -12.07 -7.99 11.75
C ASN A 146 -12.92 -7.13 10.84
N ARG A 147 -14.21 -7.42 10.87
CA ARG A 147 -15.19 -6.91 9.93
C ARG A 147 -15.33 -5.40 10.09
N GLU A 148 -15.38 -4.93 11.34
CA GLU A 148 -15.47 -3.50 11.63
C GLU A 148 -14.27 -2.75 11.06
N ALA A 149 -13.08 -3.30 11.25
CA ALA A 149 -11.82 -2.69 10.78
C ALA A 149 -11.68 -2.74 9.26
N VAL A 150 -11.88 -3.91 8.69
CA VAL A 150 -11.76 -4.10 7.24
C VAL A 150 -12.72 -3.15 6.47
N THR A 151 -13.94 -3.01 6.98
CA THR A 151 -14.97 -2.20 6.34
C THR A 151 -14.74 -0.70 6.47
N HIS A 152 -14.35 -0.25 7.66
CA HIS A 152 -13.96 1.14 7.85
C HIS A 152 -12.74 1.50 6.96
N ILE A 153 -11.75 0.60 6.87
CA ILE A 153 -10.55 0.88 6.08
C ILE A 153 -10.94 1.09 4.61
N GLY A 154 -11.80 0.22 4.09
CA GLY A 154 -12.15 0.26 2.68
C GLY A 154 -13.02 1.45 2.32
N ARG A 155 -13.97 1.77 3.20
CA ARG A 155 -14.79 2.96 3.05
C ARG A 155 -13.91 4.22 2.99
N VAL A 156 -12.97 4.36 3.92
CA VAL A 156 -12.12 5.56 4.00
C VAL A 156 -11.15 5.61 2.80
N TYR A 157 -10.58 4.47 2.44
CA TYR A 157 -9.64 4.37 1.32
C TYR A 157 -10.29 4.72 -0.03
N LYS A 158 -11.46 4.19 -0.31
CA LYS A 158 -12.23 4.58 -1.51
C LYS A 158 -12.50 6.11 -1.56
N GLU A 159 -12.96 6.67 -0.45
CA GLU A 159 -13.14 8.12 -0.27
C GLU A 159 -11.82 8.88 -0.54
N ARG A 160 -10.72 8.40 0.04
CA ARG A 160 -9.40 9.02 -0.17
C ARG A 160 -8.87 8.91 -1.59
N LEU A 161 -9.16 7.80 -2.26
CA LEU A 161 -8.84 7.68 -3.68
C LEU A 161 -9.75 8.52 -4.56
N GLY A 162 -10.94 8.84 -4.06
CA GLY A 162 -11.89 9.71 -4.74
C GLY A 162 -12.69 8.97 -5.80
N LEU A 163 -12.94 7.68 -5.58
CA LEU A 163 -13.58 6.83 -6.59
C LEU A 163 -15.10 7.01 -6.51
N PRO A 164 -15.79 7.02 -7.67
CA PRO A 164 -17.27 7.14 -7.71
C PRO A 164 -18.00 6.07 -6.87
N PRO A 165 -19.22 6.38 -6.38
CA PRO A 165 -20.00 5.38 -5.64
C PRO A 165 -20.36 4.15 -6.48
N LYS A 166 -20.44 4.33 -7.80
CA LYS A 166 -20.68 3.26 -8.76
C LYS A 166 -19.41 2.62 -9.38
N ILE A 167 -18.25 2.79 -8.74
CA ILE A 167 -17.18 1.81 -8.92
C ILE A 167 -16.93 1.18 -7.56
N VAL A 168 -17.06 -0.14 -7.54
CA VAL A 168 -17.05 -0.92 -6.33
C VAL A 168 -15.72 -1.64 -6.28
N ILE A 169 -15.04 -1.54 -5.14
CA ILE A 169 -13.78 -2.25 -4.89
C ILE A 169 -13.99 -3.43 -3.92
N GLY A 170 -13.15 -4.46 -4.04
CA GLY A 170 -13.30 -5.71 -3.27
C GLY A 170 -12.16 -6.00 -2.30
N TYR A 171 -12.49 -6.71 -1.22
CA TYR A 171 -11.52 -7.19 -0.22
C TYR A 171 -11.36 -8.71 -0.33
N GLN A 172 -10.15 -9.17 -0.66
CA GLN A 172 -9.87 -10.59 -0.81
C GLN A 172 -9.01 -11.10 0.30
N SER A 173 -9.40 -12.25 0.84
CA SER A 173 -8.54 -13.01 1.73
C SER A 173 -7.33 -13.53 0.98
N HIS A 174 -6.17 -13.53 1.63
CA HIS A 174 -4.94 -14.11 1.04
C HIS A 174 -5.05 -15.64 0.87
N ALA A 175 -5.67 -16.32 1.83
CA ALA A 175 -6.00 -17.76 1.68
C ALA A 175 -6.78 -18.06 0.40
N ASP A 176 -7.79 -17.25 0.09
CA ASP A 176 -8.52 -17.39 -1.18
C ASP A 176 -7.66 -17.01 -2.39
N THR A 177 -6.85 -15.96 -2.27
CA THR A 177 -5.97 -15.54 -3.38
C THR A 177 -4.93 -16.62 -3.70
N ALA A 178 -4.41 -17.28 -2.67
CA ALA A 178 -3.41 -18.33 -2.83
C ALA A 178 -3.91 -19.56 -3.63
N THR A 179 -5.14 -19.98 -3.37
CA THR A 179 -5.70 -21.19 -3.98
C THR A 179 -6.21 -20.94 -5.40
N THR A 185 -10.65 -14.93 -7.75
CA THR A 185 -10.82 -14.95 -6.29
C THR A 185 -12.11 -14.21 -5.89
N LYS A 186 -12.85 -14.78 -4.95
CA LYS A 186 -14.03 -14.14 -4.38
C LYS A 186 -13.63 -12.94 -3.51
N ASN A 187 -14.61 -12.09 -3.23
CA ASN A 187 -14.44 -10.98 -2.31
C ASN A 187 -15.14 -11.34 -1.00
N ARG A 188 -14.55 -11.02 0.14
CA ARG A 188 -15.23 -11.17 1.43
C ARG A 188 -16.12 -9.95 1.70
N PHE A 189 -15.63 -8.76 1.36
CA PHE A 189 -16.35 -7.51 1.50
C PHE A 189 -16.25 -6.72 0.20
N VAL A 190 -17.10 -5.72 0.09
CA VAL A 190 -17.18 -4.90 -1.10
C VAL A 190 -17.62 -3.50 -0.65
N VAL A 191 -17.15 -2.44 -1.31
CA VAL A 191 -17.58 -1.04 -1.01
C VAL A 191 -17.68 -0.16 -2.26
N LYS B 3 0.14 9.21 16.70
CA LYS B 3 0.66 10.20 15.70
C LYS B 3 -0.05 10.05 14.35
N ARG B 4 -0.82 11.08 13.97
CA ARG B 4 -1.58 11.11 12.70
C ARG B 4 -1.31 12.40 11.95
N TYR B 5 -1.29 12.30 10.62
CA TYR B 5 -1.11 13.44 9.75
C TYR B 5 -2.13 13.34 8.66
N SER B 6 -2.79 14.45 8.33
CA SER B 6 -3.68 14.48 7.17
C SER B 6 -2.85 14.46 5.88
N ARG B 7 -3.54 14.17 4.77
CA ARG B 7 -2.98 14.25 3.40
C ARG B 7 -2.27 15.57 3.17
N GLU B 8 -2.93 16.65 3.57
CA GLU B 8 -2.46 18.00 3.30
C GLU B 8 -1.21 18.32 4.11
N GLN B 9 -1.17 17.93 5.38
CA GLN B 9 0.03 18.11 6.23
C GLN B 9 1.23 17.30 5.71
N LEU B 10 0.99 16.09 5.21
CA LEU B 10 2.06 15.29 4.62
C LEU B 10 2.55 15.92 3.31
N LEU B 11 1.62 16.29 2.45
CA LEU B 11 1.96 16.91 1.13
C LEU B 11 2.72 18.25 1.24
N PHE B 13 5.09 19.07 3.41
CA PHE B 13 6.51 18.80 3.61
C PHE B 13 7.24 18.44 2.32
N GLN B 14 6.56 17.78 1.38
CA GLN B 14 7.13 17.60 0.05
C GLN B 14 7.50 18.95 -0.56
N ARG B 15 6.56 19.88 -0.48
CA ARG B 15 6.77 21.26 -0.96
C ARG B 15 7.85 22.01 -0.13
#